data_7VIJ
#
_entry.id   7VIJ
#
_cell.length_a   80.141
_cell.length_b   81.429
_cell.length_c   149.553
_cell.angle_alpha   90.000
_cell.angle_beta   90.000
_cell.angle_gamma   90.000
#
_symmetry.space_group_name_H-M   'P 21 21 21'
#
loop_
_entity.id
_entity.type
_entity.pdbx_description
1 polymer 'Ubiquitin carboxyl-terminal hydrolase 7'
2 water water
#
_entity_poly.entity_id   1
_entity_poly.type   'polypeptide(L)'
_entity_poly.pdbx_seq_one_letter_code
;GPLGSEAHLYMQVQIVAEDQFCGHQGNDMYDEEKVKYTVFKVLKNSSLAEFVQSLSQTMGFPQDQIRLWPMQARSNGTKR
PAMLDNEADGNKTMIELSDNENPWTIFLETVDPELAASGATLPKFDKDHDVMLFLKMYDPKTRSLNYCGHIYTPISCKIR
DLLPVMCDRAGFIQDTSLILYEEVKPNLTERIQDYDVSLDKALDELMDGDIIVFQKDDPENDNSELPTAKEYFRDLYHRV
DVIFCDKTIPNDPGFVVTLSNRMNYFQVAKTVAQRLNTDPMLLQFFKSQGYRDGPGNPLRHNYEGTLRDLLQFFKPRQPK
KLYYQQLKMKITDFENRRSFKCIWLNSQFREEEITLYPDKHGCVRDLLEECKKAVELGEKASGKLRLLEIVSYKIIGVHQ
EDELLECLSPATSRTFRIEEIPLDQVDIDKENEMLVTVAHFHKEVFGTFGIPFLLRIHQGEHFREVMKRIQSLLDIQEKE
FEKFKFAIVMMGRHQYINEDEYEVNLKDFEPQPGNMSHPRPWLGLDHFN
;
_entity_poly.pdbx_strand_id   A
#
# COMPACT_ATOMS: atom_id res chain seq x y z
N GLY A 1 -16.49 23.84 -37.54
CA GLY A 1 -17.37 24.01 -38.67
C GLY A 1 -16.70 24.71 -39.83
N PRO A 2 -17.49 25.42 -40.64
CA PRO A 2 -16.92 26.16 -41.78
C PRO A 2 -16.07 27.34 -41.30
N LEU A 3 -14.79 27.31 -41.66
CA LEU A 3 -13.95 28.46 -41.39
C LEU A 3 -14.25 29.54 -42.43
N GLY A 4 -14.31 30.79 -41.98
CA GLY A 4 -14.53 31.89 -42.92
C GLY A 4 -13.34 32.02 -43.85
N SER A 5 -13.49 32.77 -44.92
CA SER A 5 -12.43 32.94 -45.94
C SER A 5 -11.16 33.53 -45.32
N GLU A 6 -11.29 34.48 -44.40
CA GLU A 6 -10.10 35.15 -43.82
C GLU A 6 -9.71 34.58 -42.45
N ALA A 7 -10.27 33.46 -42.03
CA ALA A 7 -9.98 32.99 -40.67
C ALA A 7 -8.48 32.83 -40.42
N HIS A 8 -7.71 32.46 -41.44
CA HIS A 8 -6.28 32.28 -41.27
C HIS A 8 -5.55 33.58 -40.94
N LEU A 9 -6.21 34.73 -41.06
CA LEU A 9 -5.60 36.02 -40.76
C LEU A 9 -5.85 36.46 -39.33
N TYR A 10 -6.56 35.67 -38.53
CA TYR A 10 -6.96 36.07 -37.19
C TYR A 10 -6.37 35.12 -36.15
N MET A 11 -6.12 35.66 -34.96
CA MET A 11 -5.67 34.90 -33.81
C MET A 11 -6.52 35.24 -32.60
N GLN A 12 -6.49 34.34 -31.62
CA GLN A 12 -7.17 34.54 -30.36
C GLN A 12 -6.20 35.16 -29.37
N VAL A 13 -6.67 36.20 -28.68
CA VAL A 13 -5.91 36.81 -27.60
C VAL A 13 -6.76 36.66 -26.35
N GLN A 14 -6.18 36.04 -25.33
CA GLN A 14 -6.88 35.82 -24.08
C GLN A 14 -6.32 36.82 -23.07
N ILE A 15 -7.20 37.61 -22.48
CA ILE A 15 -6.81 38.59 -21.47
C ILE A 15 -7.28 38.07 -20.12
N VAL A 16 -6.34 37.94 -19.17
CA VAL A 16 -6.66 37.54 -17.81
C VAL A 16 -6.41 38.74 -16.90
N ALA A 17 -7.37 39.03 -16.03
CA ALA A 17 -7.26 40.11 -15.07
C ALA A 17 -6.87 39.56 -13.70
N GLU A 18 -6.39 40.46 -12.84
CA GLU A 18 -5.72 40.04 -11.62
C GLU A 18 -6.67 39.36 -10.64
N ASP A 19 -7.98 39.61 -10.76
CA ASP A 19 -8.95 38.94 -9.90
C ASP A 19 -8.94 37.44 -10.12
N GLN A 20 -8.47 36.99 -11.29
CA GLN A 20 -8.36 35.56 -11.56
C GLN A 20 -7.21 34.91 -10.79
N PHE A 21 -6.31 35.71 -10.22
CA PHE A 21 -5.20 35.18 -9.45
C PHE A 21 -5.60 34.93 -8.00
N CYS A 22 -6.65 35.58 -7.53
CA CYS A 22 -7.07 35.45 -6.13
C CYS A 22 -7.63 34.06 -5.89
N GLY A 23 -7.37 33.50 -4.70
CA GLY A 23 -7.89 32.18 -4.34
C GLY A 23 -7.16 31.00 -4.94
N HIS A 24 -6.32 31.20 -5.96
CA HIS A 24 -5.58 30.09 -6.52
C HIS A 24 -4.68 29.44 -5.46
N GLN A 25 -4.79 28.14 -5.30
CA GLN A 25 -4.02 27.41 -4.31
C GLN A 25 -2.78 26.74 -4.88
N GLY A 26 -2.58 26.77 -6.20
CA GLY A 26 -1.49 26.05 -6.83
C GLY A 26 -0.29 26.90 -7.16
N ASN A 27 0.55 26.36 -8.05
CA ASN A 27 1.71 27.05 -8.55
C ASN A 27 1.31 28.02 -9.67
N ASP A 28 2.19 28.97 -9.94
CA ASP A 28 1.99 30.03 -10.95
C ASP A 28 0.79 30.89 -10.51
N MET A 29 0.11 31.56 -11.47
CA MET A 29 -0.88 32.58 -11.13
C MET A 29 -2.30 32.02 -11.10
N TYR A 30 -2.60 31.03 -11.92
CA TYR A 30 -3.95 30.52 -12.05
C TYR A 30 -3.88 29.12 -12.64
N ASP A 31 -5.00 28.42 -12.48
CA ASP A 31 -5.21 27.10 -13.06
C ASP A 31 -5.78 27.30 -14.47
N GLU A 32 -5.07 26.78 -15.47
CA GLU A 32 -5.47 26.98 -16.86
C GLU A 32 -6.88 26.49 -17.17
N GLU A 33 -7.45 25.64 -16.33
CA GLU A 33 -8.80 25.13 -16.58
C GLU A 33 -9.87 25.87 -15.78
N LYS A 34 -9.49 26.64 -14.75
CA LYS A 34 -10.45 27.44 -14.01
C LYS A 34 -10.42 28.92 -14.41
N VAL A 35 -9.40 29.35 -15.14
CA VAL A 35 -9.22 30.76 -15.43
C VAL A 35 -10.30 31.24 -16.39
N LYS A 36 -10.87 32.41 -16.10
CA LYS A 36 -11.82 33.06 -17.01
C LYS A 36 -11.13 34.20 -17.74
N TYR A 37 -11.32 34.25 -19.05
CA TYR A 37 -10.66 35.22 -19.91
C TYR A 37 -11.66 36.22 -20.48
N THR A 38 -11.14 37.34 -20.95
CA THR A 38 -11.81 38.13 -21.98
C THR A 38 -11.14 37.77 -23.30
N VAL A 39 -11.92 37.33 -24.27
CA VAL A 39 -11.39 36.80 -25.53
C VAL A 39 -11.50 37.87 -26.62
N PHE A 40 -10.43 38.01 -27.41
CA PHE A 40 -10.39 38.94 -28.51
C PHE A 40 -10.01 38.20 -29.78
N LYS A 41 -10.75 38.41 -30.84
CA LYS A 41 -10.42 37.92 -32.17
C LYS A 41 -9.73 39.06 -32.91
N VAL A 42 -8.43 38.92 -33.17
CA VAL A 42 -7.58 40.03 -33.61
C VAL A 42 -6.80 39.62 -34.85
N LEU A 43 -6.67 40.55 -35.80
CA LEU A 43 -5.85 40.30 -36.98
C LEU A 43 -4.40 40.04 -36.57
N LYS A 44 -3.80 39.00 -37.14
CA LYS A 44 -2.43 38.64 -36.78
C LYS A 44 -1.45 39.76 -37.05
N ASN A 45 -1.68 40.55 -38.08
CA ASN A 45 -0.75 41.60 -38.49
C ASN A 45 -1.17 42.99 -38.00
N SER A 46 -2.23 43.09 -37.21
CA SER A 46 -2.51 44.33 -36.52
C SER A 46 -1.41 44.60 -35.51
N SER A 47 -1.23 45.88 -35.15
CA SER A 47 -0.10 46.27 -34.34
C SER A 47 -0.45 46.23 -32.85
N LEU A 48 0.60 46.12 -32.04
CA LEU A 48 0.39 46.16 -30.60
C LEU A 48 -0.23 47.48 -30.17
N ALA A 49 0.22 48.61 -30.74
CA ALA A 49 -0.33 49.91 -30.37
C ALA A 49 -1.83 49.98 -30.65
N GLU A 50 -2.23 49.51 -31.83
CA GLU A 50 -3.65 49.33 -32.14
C GLU A 50 -4.37 48.54 -31.06
N PHE A 51 -3.85 47.36 -30.72
CA PHE A 51 -4.53 46.52 -29.73
C PHE A 51 -4.63 47.22 -28.38
N VAL A 52 -3.53 47.82 -27.92
CA VAL A 52 -3.52 48.49 -26.61
C VAL A 52 -4.57 49.59 -26.58
N GLN A 53 -4.64 50.41 -27.64
CA GLN A 53 -5.64 51.47 -27.66
C GLN A 53 -7.06 50.90 -27.70
N SER A 54 -7.30 49.94 -28.59
CA SER A 54 -8.63 49.34 -28.70
C SER A 54 -9.05 48.68 -27.39
N LEU A 55 -8.13 47.95 -26.73
CA LEU A 55 -8.45 47.28 -25.47
C LEU A 55 -8.74 48.28 -24.37
N SER A 56 -7.89 49.32 -24.25
CA SER A 56 -8.17 50.38 -23.29
C SER A 56 -9.57 50.91 -23.47
N GLN A 57 -9.97 51.11 -24.72
CA GLN A 57 -11.34 51.59 -24.98
C GLN A 57 -12.37 50.54 -24.53
N THR A 58 -12.17 49.28 -24.90
CA THR A 58 -13.15 48.23 -24.62
C THR A 58 -13.34 48.03 -23.12
N MET A 59 -12.25 47.73 -22.39
CA MET A 59 -12.36 47.39 -20.97
C MET A 59 -12.69 48.59 -20.10
N GLY A 60 -12.54 49.81 -20.60
CA GLY A 60 -13.02 50.97 -19.88
C GLY A 60 -11.99 51.67 -19.01
N PHE A 61 -10.74 51.71 -19.45
CA PHE A 61 -9.69 52.41 -18.74
C PHE A 61 -8.93 53.32 -19.68
N PRO A 62 -8.44 54.46 -19.20
CA PRO A 62 -7.52 55.27 -20.01
C PRO A 62 -6.25 54.47 -20.33
N GLN A 63 -5.76 54.66 -21.56
CA GLN A 63 -4.64 53.89 -22.08
C GLN A 63 -3.40 53.98 -21.19
N ASP A 64 -3.27 55.06 -20.43
CA ASP A 64 -2.17 55.17 -19.48
C ASP A 64 -2.38 54.33 -18.24
N GLN A 65 -3.63 54.01 -17.90
CA GLN A 65 -3.98 53.39 -16.63
C GLN A 65 -3.99 51.87 -16.69
N ILE A 66 -3.32 51.26 -17.67
CA ILE A 66 -3.26 49.82 -17.83
C ILE A 66 -1.89 49.44 -18.37
N ARG A 67 -1.52 48.19 -18.18
CA ARG A 67 -0.26 47.67 -18.78
C ARG A 67 -0.46 46.20 -19.13
N LEU A 68 0.14 45.77 -20.23
CA LEU A 68 0.04 44.42 -20.74
C LEU A 68 1.31 43.66 -20.38
N TRP A 69 1.15 42.44 -19.89
CA TRP A 69 2.27 41.55 -19.59
C TRP A 69 1.95 40.19 -20.16
N PRO A 70 2.48 39.84 -21.33
CA PRO A 70 2.16 38.54 -21.93
C PRO A 70 2.51 37.38 -21.00
N MET A 71 1.60 36.41 -20.91
CA MET A 71 1.93 35.18 -20.20
C MET A 71 2.87 34.35 -21.06
N GLN A 72 4.03 34.04 -20.52
CA GLN A 72 5.11 33.43 -21.29
C GLN A 72 5.59 32.18 -20.57
N ALA A 73 5.86 31.14 -21.35
CA ALA A 73 6.38 29.89 -20.82
C ALA A 73 7.87 30.01 -20.56
N ARG A 74 8.32 29.41 -19.47
CA ARG A 74 9.73 29.36 -19.12
C ARG A 74 10.27 27.96 -19.34
N SER A 75 11.60 27.86 -19.46
CA SER A 75 12.25 26.59 -19.72
C SER A 75 11.99 25.57 -18.61
N ASN A 76 11.82 26.04 -17.37
CA ASN A 76 11.55 25.10 -16.27
C ASN A 76 10.10 24.62 -16.25
N GLY A 77 9.28 25.00 -17.22
CA GLY A 77 7.92 24.52 -17.29
C GLY A 77 6.85 25.42 -16.71
N THR A 78 7.23 26.52 -16.06
CA THR A 78 6.22 27.43 -15.51
C THR A 78 5.73 28.39 -16.58
N LYS A 79 4.64 29.09 -16.27
CA LYS A 79 4.11 30.16 -17.11
C LYS A 79 3.90 31.40 -16.24
N ARG A 80 4.50 32.51 -16.65
CA ARG A 80 4.63 33.72 -15.84
C ARG A 80 4.45 34.96 -16.70
N PRO A 81 3.94 36.04 -16.12
CA PRO A 81 3.86 37.31 -16.86
C PRO A 81 5.25 37.82 -17.20
N ALA A 82 5.43 38.26 -18.45
CA ALA A 82 6.71 38.80 -18.90
C ALA A 82 6.51 40.23 -19.40
N MET A 83 7.59 40.99 -19.36
CA MET A 83 7.50 42.40 -19.71
C MET A 83 7.29 42.56 -21.21
N LEU A 84 6.41 43.51 -21.56
CA LEU A 84 6.19 43.93 -22.94
C LEU A 84 6.42 45.43 -23.02
N ASP A 85 7.38 45.85 -23.85
CA ASP A 85 7.78 47.25 -24.00
C ASP A 85 6.87 47.92 -25.02
N ASN A 86 5.82 48.58 -24.55
CA ASN A 86 4.80 49.09 -25.46
C ASN A 86 5.35 50.20 -26.37
N GLU A 87 6.15 51.11 -25.83
CA GLU A 87 6.63 52.23 -26.65
C GLU A 87 7.59 51.77 -27.74
N ALA A 88 8.42 50.77 -27.45
CA ALA A 88 9.42 50.27 -28.40
C ALA A 88 8.93 49.14 -29.28
N ASP A 89 7.80 48.50 -28.95
CA ASP A 89 7.25 47.41 -29.73
C ASP A 89 5.87 47.72 -30.28
N GLY A 90 5.32 48.91 -29.98
CA GLY A 90 3.96 49.25 -30.38
C GLY A 90 3.64 49.04 -31.85
N ASN A 91 4.66 49.00 -32.70
CA ASN A 91 4.47 48.84 -34.14
C ASN A 91 4.65 47.41 -34.62
N LYS A 92 5.20 46.53 -33.79
CA LYS A 92 5.31 45.12 -34.18
C LYS A 92 3.92 44.49 -34.28
N THR A 93 3.82 43.43 -35.06
CA THR A 93 2.54 42.74 -35.25
C THR A 93 2.23 41.86 -34.04
N MET A 94 0.94 41.53 -33.89
CA MET A 94 0.53 40.69 -32.77
C MET A 94 1.13 39.30 -32.87
N ILE A 95 1.21 38.73 -34.08
CA ILE A 95 1.69 37.37 -34.23
C ILE A 95 3.20 37.27 -34.02
N GLU A 96 3.97 38.32 -34.38
CA GLU A 96 5.40 38.26 -34.13
C GLU A 96 5.73 38.48 -32.66
N LEU A 97 4.91 39.28 -31.95
CA LEU A 97 5.09 39.44 -30.52
C LEU A 97 4.70 38.18 -29.77
N SER A 98 3.63 37.51 -30.22
CA SER A 98 3.18 36.27 -29.60
C SER A 98 4.10 35.10 -29.87
N ASP A 99 5.13 35.28 -30.72
CA ASP A 99 6.02 34.17 -31.08
C ASP A 99 5.21 33.05 -31.74
N ASN A 100 4.23 33.44 -32.56
CA ASN A 100 3.32 32.54 -33.27
C ASN A 100 2.43 31.71 -32.33
N GLU A 101 2.34 32.07 -31.06
CA GLU A 101 1.47 31.36 -30.14
C GLU A 101 0.03 31.79 -30.38
N ASN A 102 -0.86 30.82 -30.53
CA ASN A 102 -2.26 31.10 -30.76
C ASN A 102 -3.06 29.94 -30.16
N PRO A 103 -3.86 30.17 -29.11
CA PRO A 103 -4.15 31.48 -28.51
C PRO A 103 -3.00 32.08 -27.68
N TRP A 104 -3.01 33.41 -27.57
CA TRP A 104 -2.00 34.16 -26.86
C TRP A 104 -2.63 34.78 -25.62
N THR A 105 -2.09 34.46 -24.44
CA THR A 105 -2.63 34.95 -23.18
C THR A 105 -1.82 36.13 -22.66
N ILE A 106 -2.50 37.16 -22.18
CA ILE A 106 -1.83 38.36 -21.66
C ILE A 106 -2.46 38.73 -20.33
N PHE A 107 -1.63 38.99 -19.32
CA PHE A 107 -2.09 39.54 -18.06
C PHE A 107 -2.29 41.05 -18.21
N LEU A 108 -3.50 41.50 -17.90
CA LEU A 108 -3.85 42.92 -17.98
C LEU A 108 -3.77 43.52 -16.59
N GLU A 109 -2.75 44.33 -16.34
CA GLU A 109 -2.64 45.07 -15.10
C GLU A 109 -3.44 46.36 -15.20
N THR A 110 -4.34 46.58 -14.25
CA THR A 110 -5.04 47.85 -14.16
C THR A 110 -4.91 48.42 -12.75
N VAL A 111 -5.21 49.71 -12.61
CA VAL A 111 -5.40 50.31 -11.30
C VAL A 111 -6.70 49.77 -10.71
N ASP A 112 -6.74 49.65 -9.39
CA ASP A 112 -8.00 49.40 -8.69
C ASP A 112 -9.01 50.49 -9.06
N PRO A 113 -10.21 50.15 -9.54
CA PRO A 113 -11.15 51.20 -9.99
C PRO A 113 -11.47 52.25 -8.93
N GLU A 114 -11.90 51.84 -7.74
CA GLU A 114 -12.22 52.80 -6.69
C GLU A 114 -11.00 53.63 -6.30
N LEU A 115 -9.84 52.99 -6.20
CA LEU A 115 -8.62 53.67 -5.82
C LEU A 115 -8.16 54.62 -6.92
N ALA A 116 -8.42 54.24 -8.17
CA ALA A 116 -8.21 55.14 -9.31
C ALA A 116 -9.14 56.34 -9.24
N ALA A 117 -10.35 56.16 -8.72
CA ALA A 117 -11.25 57.29 -8.55
C ALA A 117 -10.64 58.36 -7.65
N SER A 118 -9.64 57.96 -6.88
CA SER A 118 -8.91 58.88 -5.96
C SER A 118 -7.90 59.69 -6.77
N GLY A 119 -7.84 59.46 -8.09
CA GLY A 119 -6.89 60.14 -8.99
C GLY A 119 -5.62 59.33 -9.14
N ALA A 120 -5.60 58.12 -8.58
CA ALA A 120 -4.41 57.25 -8.62
C ALA A 120 -4.08 56.90 -10.08
N THR A 121 -2.79 56.91 -10.42
CA THR A 121 -2.35 56.60 -11.81
C THR A 121 -1.32 55.46 -11.77
N LEU A 122 -1.36 54.60 -12.79
CA LEU A 122 -0.46 53.46 -12.89
C LEU A 122 0.98 53.98 -12.83
N PRO A 123 1.77 53.59 -11.83
CA PRO A 123 3.16 54.08 -11.78
C PRO A 123 3.92 53.68 -13.03
N LYS A 124 5.01 54.39 -13.28
CA LYS A 124 5.83 54.10 -14.45
C LYS A 124 6.85 53.01 -14.12
N PHE A 125 7.16 52.21 -15.13
CA PHE A 125 8.01 51.04 -14.97
C PHE A 125 9.29 51.25 -15.76
N ASP A 126 10.41 51.29 -15.04
CA ASP A 126 11.72 51.36 -15.65
C ASP A 126 12.14 49.95 -16.03
N LYS A 127 12.02 49.61 -17.31
CA LYS A 127 12.32 48.26 -17.78
C LYS A 127 13.74 47.83 -17.46
N ASP A 128 14.67 48.79 -17.33
CA ASP A 128 16.06 48.45 -17.09
C ASP A 128 16.37 48.27 -15.60
N HIS A 129 15.69 49.00 -14.72
CA HIS A 129 16.00 49.00 -13.31
C HIS A 129 14.87 48.50 -12.40
N ASP A 130 13.72 48.14 -12.95
CA ASP A 130 12.58 47.72 -12.15
C ASP A 130 12.22 46.28 -12.45
N VAL A 131 11.55 45.65 -11.48
CA VAL A 131 10.96 44.32 -11.64
C VAL A 131 9.56 44.33 -11.04
N MET A 132 8.65 43.63 -11.71
CA MET A 132 7.31 43.36 -11.18
C MET A 132 7.35 41.99 -10.50
N LEU A 133 7.13 41.99 -9.18
CA LEU A 133 7.12 40.75 -8.39
C LEU A 133 5.71 40.47 -7.89
N PHE A 134 5.35 39.19 -7.85
CA PHE A 134 4.06 38.73 -7.34
C PHE A 134 4.24 38.14 -5.94
N LEU A 135 3.29 38.41 -5.06
CA LEU A 135 3.39 38.08 -3.66
C LEU A 135 2.28 37.10 -3.28
N LYS A 136 2.63 36.04 -2.55
CA LYS A 136 1.65 35.13 -1.97
C LYS A 136 1.95 34.94 -0.49
N MET A 137 0.92 34.95 0.34
CA MET A 137 1.07 34.63 1.76
C MET A 137 0.63 33.18 2.02
N TYR A 138 1.46 32.42 2.73
CA TYR A 138 1.11 31.06 3.11
C TYR A 138 0.64 31.08 4.56
N ASP A 139 -0.56 30.55 4.81
CA ASP A 139 -1.03 30.41 6.18
C ASP A 139 -0.99 28.93 6.56
N PRO A 140 -0.10 28.53 7.46
CA PRO A 140 -0.01 27.11 7.88
C PRO A 140 -1.22 26.62 8.66
N LYS A 141 -1.93 27.52 9.36
CA LYS A 141 -3.03 27.06 10.19
C LYS A 141 -4.18 26.51 9.34
N THR A 142 -4.60 27.26 8.32
CA THR A 142 -5.55 26.78 7.32
C THR A 142 -4.87 26.03 6.18
N ARG A 143 -3.54 25.97 6.14
CA ARG A 143 -2.78 25.37 5.04
C ARG A 143 -3.20 25.93 3.67
N SER A 144 -3.23 27.26 3.54
CA SER A 144 -3.71 27.83 2.28
C SER A 144 -2.84 28.99 1.80
N LEU A 145 -2.86 29.20 0.48
CA LEU A 145 -2.26 30.36 -0.17
C LEU A 145 -3.25 31.51 -0.25
N ASN A 146 -2.76 32.72 0.01
CA ASN A 146 -3.56 33.93 -0.06
C ASN A 146 -2.86 34.91 -0.99
N TYR A 147 -3.48 35.20 -2.13
CA TYR A 147 -2.88 36.07 -3.12
C TYR A 147 -2.75 37.47 -2.56
N CYS A 148 -1.54 38.03 -2.61
CA CYS A 148 -1.26 39.32 -2.02
C CYS A 148 -0.86 40.39 -3.04
N GLY A 149 -1.21 40.20 -4.31
CA GLY A 149 -0.96 41.22 -5.32
C GLY A 149 0.47 41.21 -5.84
N HIS A 150 0.81 42.31 -6.51
CA HIS A 150 2.12 42.51 -7.11
C HIS A 150 2.65 43.88 -6.74
N ILE A 151 3.93 44.08 -6.98
CA ILE A 151 4.61 45.31 -6.64
C ILE A 151 5.62 45.59 -7.72
N TYR A 152 5.83 46.87 -7.97
CA TYR A 152 6.96 47.38 -8.73
C TYR A 152 8.08 47.64 -7.75
N THR A 153 9.30 47.20 -8.08
CA THR A 153 10.34 47.52 -7.15
C THR A 153 11.64 47.63 -7.92
N PRO A 154 12.53 48.55 -7.54
CA PRO A 154 13.86 48.57 -8.16
C PRO A 154 14.59 47.27 -7.87
N ILE A 155 15.31 46.77 -8.89
CA ILE A 155 16.24 45.65 -8.75
C ILE A 155 17.14 45.79 -7.52
N SER A 156 17.52 47.03 -7.17
CA SER A 156 18.52 47.27 -6.14
C SER A 156 17.91 47.29 -4.75
N CYS A 157 16.59 47.35 -4.63
CA CYS A 157 15.94 47.33 -3.33
C CYS A 157 16.40 46.11 -2.54
N LYS A 158 16.61 46.30 -1.25
CA LYS A 158 16.91 45.19 -0.34
C LYS A 158 15.63 44.45 0.03
N ILE A 159 15.73 43.12 0.11
CA ILE A 159 14.59 42.28 0.51
C ILE A 159 13.93 42.86 1.76
N ARG A 160 14.73 43.35 2.70
CA ARG A 160 14.21 43.82 3.97
C ARG A 160 13.26 45.00 3.78
N ASP A 161 13.47 45.78 2.71
CA ASP A 161 12.59 46.92 2.45
C ASP A 161 11.25 46.51 1.88
N LEU A 162 11.09 45.23 1.53
CA LEU A 162 9.81 44.73 1.03
C LEU A 162 8.94 44.13 2.14
N LEU A 163 9.52 43.82 3.31
CA LEU A 163 8.74 43.25 4.39
C LEU A 163 7.56 44.12 4.84
N PRO A 164 7.68 45.45 4.91
CA PRO A 164 6.49 46.24 5.28
C PRO A 164 5.32 46.06 4.34
N VAL A 165 5.58 45.92 3.03
CA VAL A 165 4.50 45.72 2.07
C VAL A 165 3.87 44.34 2.23
N MET A 166 4.69 43.29 2.44
CA MET A 166 4.14 41.96 2.67
C MET A 166 3.27 41.93 3.93
N CYS A 167 3.75 42.54 5.01
CA CYS A 167 2.96 42.57 6.24
C CYS A 167 1.65 43.30 6.03
N ASP A 168 1.70 44.44 5.32
CA ASP A 168 0.50 45.24 5.13
C ASP A 168 -0.51 44.54 4.22
N ARG A 169 -0.03 43.90 3.17
CA ARG A 169 -0.95 43.22 2.27
C ARG A 169 -1.54 41.96 2.89
N ALA A 170 -0.80 41.28 3.78
CA ALA A 170 -1.33 40.10 4.44
C ALA A 170 -2.17 40.42 5.66
N GLY A 171 -2.21 41.68 6.09
CA GLY A 171 -2.89 42.02 7.33
C GLY A 171 -2.10 41.74 8.59
N PHE A 172 -0.83 41.40 8.49
CA PHE A 172 0.01 41.21 9.67
C PHE A 172 0.36 42.55 10.30
N ILE A 173 0.55 42.55 11.62
CA ILE A 173 1.06 43.74 12.30
C ILE A 173 2.48 44.02 11.86
N GLN A 174 2.80 45.28 11.63
CA GLN A 174 4.15 45.66 11.23
C GLN A 174 5.18 45.10 12.20
N ASP A 175 6.35 44.77 11.64
CA ASP A 175 7.50 44.19 12.36
C ASP A 175 7.17 42.79 12.89
N THR A 176 6.27 42.10 12.20
CA THR A 176 6.12 40.66 12.34
C THR A 176 7.26 40.00 11.57
N SER A 177 8.03 39.17 12.25
CA SER A 177 9.09 38.43 11.58
C SER A 177 8.49 37.45 10.57
N LEU A 178 9.11 37.38 9.40
CA LEU A 178 8.60 36.63 8.27
C LEU A 178 9.65 35.65 7.75
N ILE A 179 9.16 34.56 7.18
CA ILE A 179 9.97 33.65 6.38
C ILE A 179 9.58 33.87 4.94
N LEU A 180 10.57 33.95 4.06
CA LEU A 180 10.33 34.26 2.65
C LEU A 180 10.92 33.17 1.77
N TYR A 181 10.22 32.83 0.69
CA TYR A 181 10.71 31.90 -0.31
C TYR A 181 10.48 32.48 -1.68
N GLU A 182 11.30 32.07 -2.64
CA GLU A 182 10.91 32.14 -4.03
C GLU A 182 10.18 30.86 -4.42
N GLU A 183 8.99 30.99 -5.01
CA GLU A 183 8.34 29.87 -5.67
C GLU A 183 8.94 29.75 -7.07
N VAL A 184 9.93 28.88 -7.25
CA VAL A 184 10.57 28.78 -8.57
C VAL A 184 9.69 28.03 -9.54
N LYS A 185 9.24 26.86 -9.14
CA LYS A 185 8.49 25.95 -10.01
C LYS A 185 7.85 24.91 -9.12
N PRO A 186 6.93 24.10 -9.67
CA PRO A 186 6.37 23.02 -8.84
C PRO A 186 7.48 22.18 -8.24
N ASN A 187 7.36 21.91 -6.93
CA ASN A 187 8.31 21.12 -6.15
C ASN A 187 9.66 21.81 -5.96
N LEU A 188 9.75 23.12 -6.22
CA LEU A 188 10.97 23.90 -5.90
C LEU A 188 10.55 25.23 -5.29
N THR A 189 10.66 25.32 -3.97
CA THR A 189 10.35 26.53 -3.20
C THR A 189 11.62 26.82 -2.40
N GLU A 190 12.39 27.82 -2.84
CA GLU A 190 13.74 28.08 -2.35
C GLU A 190 13.74 29.20 -1.31
N ARG A 191 14.16 28.88 -0.10
CA ARG A 191 14.11 29.86 0.97
C ARG A 191 15.12 30.97 0.75
N ILE A 192 14.73 32.20 1.08
CA ILE A 192 15.59 33.38 0.92
C ILE A 192 16.24 33.63 2.27
N GLN A 193 17.55 33.43 2.35
CA GLN A 193 18.22 33.36 3.65
C GLN A 193 18.71 34.71 4.17
N ASP A 194 18.92 35.69 3.30
CA ASP A 194 19.49 36.97 3.72
C ASP A 194 18.60 38.09 3.20
N TYR A 195 17.94 38.80 4.11
CA TYR A 195 17.09 39.90 3.69
C TYR A 195 17.86 41.19 3.49
N ASP A 196 19.14 41.25 3.86
CA ASP A 196 19.91 42.47 3.77
C ASP A 196 20.74 42.55 2.50
N VAL A 197 20.27 41.91 1.43
CA VAL A 197 20.89 42.01 0.12
C VAL A 197 19.79 42.44 -0.85
N SER A 198 20.22 42.86 -2.03
CA SER A 198 19.31 43.36 -3.02
C SER A 198 18.53 42.21 -3.64
N LEU A 199 17.43 42.56 -4.32
CA LEU A 199 16.64 41.56 -5.01
C LEU A 199 17.45 40.82 -6.06
N ASP A 200 18.37 41.54 -6.71
CA ASP A 200 19.21 40.97 -7.76
C ASP A 200 20.04 39.81 -7.23
N LYS A 201 20.51 39.91 -5.98
CA LYS A 201 21.35 38.86 -5.40
C LYS A 201 20.55 37.81 -4.64
N ALA A 202 19.44 38.20 -4.00
CA ALA A 202 18.62 37.23 -3.28
C ALA A 202 18.05 36.20 -4.23
N LEU A 203 17.60 36.63 -5.39
CA LEU A 203 16.95 35.74 -6.34
C LEU A 203 17.93 35.43 -7.47
N ASP A 204 18.09 34.16 -7.76
CA ASP A 204 18.81 33.75 -8.96
C ASP A 204 17.91 33.97 -10.17
N GLU A 205 18.48 34.51 -11.23
CA GLU A 205 17.78 34.73 -12.49
C GLU A 205 16.52 35.58 -12.30
N LEU A 206 16.66 36.66 -11.51
CA LEU A 206 15.55 37.57 -11.26
C LEU A 206 14.87 38.04 -12.54
N MET A 207 13.57 37.77 -12.65
CA MET A 207 12.78 38.20 -13.80
C MET A 207 11.51 38.88 -13.31
N ASP A 208 10.88 39.63 -14.20
CA ASP A 208 9.49 40.01 -13.98
C ASP A 208 8.63 38.75 -13.89
N GLY A 209 7.63 38.78 -13.02
CA GLY A 209 6.78 37.63 -12.86
C GLY A 209 7.34 36.56 -11.96
N ASP A 210 8.47 36.82 -11.29
CA ASP A 210 8.88 35.95 -10.21
C ASP A 210 7.92 36.09 -9.04
N ILE A 211 7.98 35.14 -8.13
CA ILE A 211 6.99 34.99 -7.07
C ILE A 211 7.72 34.80 -5.75
N ILE A 212 7.42 35.66 -4.79
CA ILE A 212 7.83 35.46 -3.41
C ILE A 212 6.62 35.01 -2.61
N VAL A 213 6.75 33.91 -1.89
CA VAL A 213 5.74 33.45 -0.96
C VAL A 213 6.29 33.66 0.44
N PHE A 214 5.53 34.31 1.30
CA PHE A 214 5.99 34.59 2.65
C PHE A 214 4.99 34.08 3.68
N GLN A 215 5.45 33.97 4.92
CA GLN A 215 4.58 33.55 6.02
C GLN A 215 5.12 34.13 7.32
N LYS A 216 4.26 34.22 8.34
CA LYS A 216 4.70 34.58 9.67
C LYS A 216 5.76 33.59 10.16
N ASP A 217 6.74 34.09 10.88
CA ASP A 217 7.68 33.23 11.63
C ASP A 217 7.09 33.08 13.03
N ASP A 218 6.45 31.94 13.28
CA ASP A 218 5.54 31.78 14.43
C ASP A 218 5.71 30.37 15.00
N PRO A 219 5.92 30.23 16.31
CA PRO A 219 5.97 28.88 16.91
C PRO A 219 4.75 28.03 16.56
N GLU A 220 3.55 28.63 16.55
CA GLU A 220 2.34 27.86 16.23
C GLU A 220 2.39 27.23 14.86
N ASN A 221 3.28 27.69 13.97
CA ASN A 221 3.46 27.03 12.68
C ASN A 221 3.69 25.55 12.84
N ASP A 222 4.39 25.15 13.91
CA ASP A 222 4.77 23.76 14.10
C ASP A 222 3.57 22.88 14.46
N ASN A 223 2.46 23.49 14.90
CA ASN A 223 1.25 22.73 15.16
C ASN A 223 0.58 22.24 13.89
N SER A 224 0.88 22.86 12.75
CA SER A 224 0.24 22.46 11.50
C SER A 224 0.94 21.24 10.90
N GLU A 225 0.19 20.50 10.09
CA GLU A 225 0.79 19.40 9.34
C GLU A 225 1.67 19.88 8.20
N LEU A 226 1.52 21.15 7.77
CA LEU A 226 2.37 21.73 6.72
C LEU A 226 2.87 23.07 7.21
N PRO A 227 3.92 23.07 8.03
CA PRO A 227 4.34 24.31 8.72
C PRO A 227 4.95 25.37 7.82
N THR A 228 5.50 24.99 6.66
CA THR A 228 6.13 25.97 5.80
C THR A 228 5.54 25.86 4.39
N ALA A 229 5.73 26.93 3.62
CA ALA A 229 5.30 26.95 2.23
C ALA A 229 6.05 25.95 1.38
N LYS A 230 7.34 25.74 1.67
CA LYS A 230 8.12 24.70 1.00
C LYS A 230 7.40 23.35 1.11
N GLU A 231 7.00 22.99 2.33
CA GLU A 231 6.32 21.72 2.53
C GLU A 231 4.93 21.73 1.93
N TYR A 232 4.23 22.87 2.00
CA TYR A 232 2.95 22.98 1.31
C TYR A 232 3.09 22.64 -0.17
N PHE A 233 4.05 23.25 -0.85
CA PHE A 233 4.17 23.03 -2.29
C PHE A 233 4.66 21.62 -2.60
N ARG A 234 5.49 21.02 -1.72
CA ARG A 234 5.90 19.63 -1.90
C ARG A 234 4.71 18.68 -1.76
N ASP A 235 3.93 18.86 -0.71
CA ASP A 235 2.70 18.10 -0.57
C ASP A 235 1.79 18.28 -1.78
N LEU A 236 1.58 19.54 -2.22
CA LEU A 236 0.72 19.76 -3.38
C LEU A 236 1.24 18.99 -4.59
N TYR A 237 2.55 19.05 -4.82
CA TYR A 237 3.12 18.38 -5.98
C TYR A 237 2.93 16.85 -5.90
N HIS A 238 3.04 16.26 -4.71
CA HIS A 238 3.01 14.79 -4.57
C HIS A 238 1.62 14.24 -4.24
N ARG A 239 0.58 15.07 -4.23
CA ARG A 239 -0.77 14.62 -3.94
C ARG A 239 -1.29 13.64 -5.00
N VAL A 240 -2.07 12.66 -4.56
CA VAL A 240 -2.69 11.74 -5.50
C VAL A 240 -3.93 11.12 -4.86
N ASP A 241 -5.00 11.01 -5.63
CA ASP A 241 -6.23 10.35 -5.20
C ASP A 241 -6.17 8.88 -5.58
N VAL A 242 -6.46 8.00 -4.61
CA VAL A 242 -6.44 6.56 -4.84
C VAL A 242 -7.74 5.95 -4.32
N ILE A 243 -8.40 5.16 -5.16
CA ILE A 243 -9.60 4.42 -4.76
C ILE A 243 -9.16 3.11 -4.11
N PHE A 244 -9.66 2.84 -2.90
CA PHE A 244 -9.39 1.59 -2.21
C PHE A 244 -10.66 0.73 -2.20
N CYS A 245 -10.49 -0.57 -2.52
CA CYS A 245 -11.59 -1.53 -2.55
C CYS A 245 -11.26 -2.77 -1.73
N ASP A 246 -12.26 -3.28 -1.00
CA ASP A 246 -12.15 -4.57 -0.34
C ASP A 246 -12.30 -5.67 -1.39
N LYS A 247 -11.25 -6.49 -1.54
CA LYS A 247 -11.28 -7.53 -2.58
C LYS A 247 -12.25 -8.66 -2.24
N THR A 248 -12.66 -8.77 -0.98
CA THR A 248 -13.62 -9.77 -0.53
C THR A 248 -15.06 -9.27 -0.54
N ILE A 249 -15.32 -8.13 -1.17
CA ILE A 249 -16.67 -7.61 -1.36
C ILE A 249 -16.88 -7.41 -2.85
N PRO A 250 -17.66 -8.28 -3.50
CA PRO A 250 -17.75 -8.23 -4.96
C PRO A 250 -18.28 -6.90 -5.48
N ASN A 251 -17.71 -6.46 -6.59
CA ASN A 251 -18.07 -5.22 -7.29
C ASN A 251 -18.10 -4.00 -6.36
N ASP A 252 -17.36 -4.04 -5.26
CA ASP A 252 -17.27 -2.90 -4.35
C ASP A 252 -16.72 -1.69 -5.08
N PRO A 253 -17.46 -0.57 -5.13
CA PRO A 253 -16.91 0.63 -5.77
C PRO A 253 -15.81 1.30 -4.95
N GLY A 254 -15.68 0.96 -3.67
CA GLY A 254 -14.59 1.45 -2.85
C GLY A 254 -14.77 2.91 -2.48
N PHE A 255 -13.77 3.43 -1.76
CA PHE A 255 -13.77 4.83 -1.35
C PHE A 255 -12.44 5.48 -1.75
N VAL A 256 -12.50 6.81 -1.96
CA VAL A 256 -11.33 7.58 -2.37
C VAL A 256 -10.57 8.05 -1.14
N VAL A 257 -9.23 8.02 -1.22
CA VAL A 257 -8.36 8.51 -0.18
C VAL A 257 -7.31 9.39 -0.83
N THR A 258 -7.06 10.56 -0.24
CA THR A 258 -6.02 11.47 -0.72
C THR A 258 -4.73 11.09 -0.03
N LEU A 259 -3.73 10.74 -0.82
CA LEU A 259 -2.46 10.28 -0.28
C LEU A 259 -1.33 11.09 -0.94
N SER A 260 -0.10 10.72 -0.61
CA SER A 260 1.07 11.30 -1.24
C SER A 260 1.88 10.21 -1.91
N ASN A 261 2.36 10.49 -3.13
CA ASN A 261 3.14 9.53 -3.91
C ASN A 261 4.40 9.05 -3.21
N ARG A 262 4.82 9.65 -2.10
CA ARG A 262 6.05 9.22 -1.46
C ARG A 262 5.82 8.63 -0.08
N MET A 263 4.57 8.37 0.29
CA MET A 263 4.31 7.60 1.49
C MET A 263 4.96 6.23 1.41
N ASN A 264 5.34 5.69 2.57
CA ASN A 264 5.77 4.31 2.65
C ASN A 264 4.56 3.45 2.99
N TYR A 265 4.79 2.12 3.09
CA TYR A 265 3.67 1.23 3.39
C TYR A 265 2.94 1.67 4.65
N PHE A 266 3.70 2.04 5.69
CA PHE A 266 3.10 2.31 6.98
C PHE A 266 2.19 3.54 6.93
N GLN A 267 2.61 4.59 6.20
CA GLN A 267 1.78 5.80 6.13
C GLN A 267 0.47 5.53 5.39
N VAL A 268 0.54 4.81 4.26
CA VAL A 268 -0.67 4.41 3.54
C VAL A 268 -1.59 3.59 4.44
N ALA A 269 -1.02 2.58 5.12
CA ALA A 269 -1.82 1.73 6.00
C ALA A 269 -2.44 2.54 7.13
N LYS A 270 -1.67 3.45 7.73
CA LYS A 270 -2.19 4.35 8.75
C LYS A 270 -3.41 5.13 8.26
N THR A 271 -3.29 5.75 7.08
CA THR A 271 -4.37 6.57 6.56
C THR A 271 -5.63 5.75 6.30
N VAL A 272 -5.48 4.65 5.57
CA VAL A 272 -6.66 3.83 5.25
C VAL A 272 -7.27 3.25 6.51
N ALA A 273 -6.43 2.90 7.50
CA ALA A 273 -6.95 2.33 8.74
C ALA A 273 -7.74 3.37 9.54
N GLN A 274 -7.20 4.59 9.66
CA GLN A 274 -7.94 5.66 10.31
C GLN A 274 -9.30 5.86 9.63
N ARG A 275 -9.33 5.81 8.30
CA ARG A 275 -10.64 6.05 7.69
C ARG A 275 -11.52 4.80 7.64
N LEU A 276 -11.01 3.63 8.05
CA LEU A 276 -11.87 2.47 8.26
C LEU A 276 -12.18 2.19 9.72
N ASN A 277 -11.54 2.92 10.65
CA ASN A 277 -11.74 2.75 12.08
C ASN A 277 -11.25 1.37 12.55
N THR A 278 -10.09 0.95 12.05
CA THR A 278 -9.49 -0.32 12.41
C THR A 278 -8.01 -0.12 12.68
N ASP A 279 -7.39 -1.14 13.28
CA ASP A 279 -5.95 -1.12 13.50
C ASP A 279 -5.22 -1.26 12.17
N PRO A 280 -4.16 -0.46 11.94
CA PRO A 280 -3.42 -0.59 10.67
C PRO A 280 -2.88 -1.99 10.42
N MET A 281 -2.43 -2.68 11.46
CA MET A 281 -1.91 -4.04 11.33
C MET A 281 -3.00 -5.07 11.08
N LEU A 282 -4.26 -4.66 10.98
CA LEU A 282 -5.36 -5.58 10.68
C LEU A 282 -5.82 -5.47 9.23
N LEU A 283 -4.91 -5.12 8.32
CA LEU A 283 -5.24 -4.95 6.92
C LEU A 283 -4.16 -5.62 6.07
N GLN A 284 -4.55 -6.14 4.91
CA GLN A 284 -3.60 -6.64 3.93
C GLN A 284 -3.88 -5.94 2.61
N PHE A 285 -2.81 -5.51 1.92
CA PHE A 285 -2.94 -4.79 0.67
C PHE A 285 -2.42 -5.66 -0.46
N PHE A 286 -2.72 -5.24 -1.69
CA PHE A 286 -2.35 -5.99 -2.87
C PHE A 286 -1.76 -5.06 -3.93
N LYS A 287 -0.61 -5.45 -4.47
CA LYS A 287 -0.10 -4.76 -5.63
C LYS A 287 -1.12 -4.81 -6.75
N SER A 288 -0.91 -3.96 -7.75
CA SER A 288 -1.69 -3.97 -8.98
C SER A 288 -1.29 -5.17 -9.84
N GLN A 289 -2.12 -5.49 -10.82
CA GLN A 289 -1.76 -6.50 -11.82
C GLN A 289 -1.20 -5.88 -13.11
N GLY A 290 -1.45 -4.59 -13.32
CA GLY A 290 -0.93 -3.88 -14.49
C GLY A 290 -1.99 -3.67 -15.54
N TYR A 291 -2.04 -4.64 -16.46
CA TYR A 291 -2.96 -4.71 -17.62
C TYR A 291 -4.43 -4.95 -17.21
N ARG A 292 -4.70 -5.84 -16.25
CA ARG A 292 -6.12 -6.15 -15.97
C ARG A 292 -6.51 -5.80 -14.53
N ASP A 293 -7.62 -5.06 -14.43
CA ASP A 293 -8.15 -4.57 -13.14
C ASP A 293 -8.40 -5.78 -12.25
N GLY A 294 -8.32 -5.57 -10.94
CA GLY A 294 -8.41 -6.65 -9.99
C GLY A 294 -7.14 -6.78 -9.18
N PRO A 295 -7.27 -7.29 -7.96
CA PRO A 295 -6.11 -7.37 -7.05
C PRO A 295 -5.03 -8.28 -7.57
N GLY A 296 -3.78 -7.92 -7.28
CA GLY A 296 -2.64 -8.74 -7.64
C GLY A 296 -2.00 -9.35 -6.40
N ASN A 297 -0.68 -9.52 -6.42
CA ASN A 297 -0.01 -10.24 -5.34
C ASN A 297 -0.12 -9.46 -4.02
N PRO A 298 -0.18 -10.18 -2.88
CA PRO A 298 -0.24 -9.51 -1.58
C PRO A 298 1.01 -8.66 -1.37
N LEU A 299 0.84 -7.59 -0.59
CA LEU A 299 1.93 -6.66 -0.32
C LEU A 299 2.51 -7.00 1.06
N ARG A 300 3.76 -7.42 1.06
CA ARG A 300 4.43 -7.78 2.33
C ARG A 300 4.44 -6.53 3.20
N HIS A 301 4.16 -6.71 4.48
CA HIS A 301 4.02 -5.62 5.42
C HIS A 301 5.30 -4.80 5.56
N ASN A 302 6.46 -5.42 5.33
CA ASN A 302 7.74 -4.71 5.35
C ASN A 302 8.16 -4.21 3.97
N TYR A 303 7.19 -3.92 3.11
CA TYR A 303 7.47 -3.30 1.82
C TYR A 303 8.32 -2.04 2.00
N GLU A 304 9.34 -1.88 1.15
CA GLU A 304 10.32 -0.81 1.27
C GLU A 304 10.16 0.28 0.23
N GLY A 305 9.21 0.14 -0.69
CA GLY A 305 8.98 1.13 -1.72
C GLY A 305 7.98 2.19 -1.27
N THR A 306 7.55 2.98 -2.23
CA THR A 306 6.65 4.10 -1.98
C THR A 306 5.32 3.87 -2.69
N LEU A 307 4.32 4.65 -2.30
CA LEU A 307 3.04 4.61 -2.99
C LEU A 307 3.20 4.83 -4.49
N ARG A 308 4.13 5.70 -4.90
CA ARG A 308 4.40 5.91 -6.33
C ARG A 308 4.83 4.62 -7.02
N ASP A 309 5.67 3.82 -6.37
CA ASP A 309 6.04 2.52 -6.92
C ASP A 309 4.81 1.64 -7.13
N LEU A 310 3.88 1.66 -6.17
CA LEU A 310 2.67 0.85 -6.30
C LEU A 310 1.75 1.33 -7.40
N LEU A 311 1.82 2.61 -7.79
CA LEU A 311 0.86 3.14 -8.75
C LEU A 311 1.44 3.31 -10.14
N GLN A 312 2.68 2.88 -10.36
CA GLN A 312 3.41 3.28 -11.55
C GLN A 312 2.84 2.69 -12.84
N PHE A 313 1.94 1.72 -12.77
CA PHE A 313 1.44 1.03 -13.95
C PHE A 313 0.08 1.55 -14.40
N PHE A 314 -0.54 2.46 -13.66
CA PHE A 314 -1.77 3.09 -14.11
C PHE A 314 -1.45 4.12 -15.18
N LYS A 315 -2.04 3.95 -16.36
CA LYS A 315 -1.92 4.93 -17.43
C LYS A 315 -2.77 6.16 -17.14
N PRO A 316 -2.48 7.31 -17.81
CA PRO A 316 -3.22 8.55 -17.50
C PRO A 316 -4.74 8.43 -17.54
N ARG A 317 -5.22 7.46 -18.32
CA ARG A 317 -6.67 7.10 -18.49
C ARG A 317 -7.28 6.34 -17.29
N GLN A 318 -6.59 5.31 -16.76
CA GLN A 318 -7.11 4.44 -15.73
C GLN A 318 -7.26 5.16 -14.40
N PRO A 319 -8.29 4.85 -13.62
CA PRO A 319 -8.39 5.41 -12.26
C PRO A 319 -7.48 4.64 -11.33
N LYS A 320 -6.70 5.38 -10.54
CA LYS A 320 -5.78 4.76 -9.60
C LYS A 320 -6.56 4.05 -8.51
N LYS A 321 -6.32 2.75 -8.35
CA LYS A 321 -7.11 1.92 -7.45
C LYS A 321 -6.22 0.84 -6.86
N LEU A 322 -6.32 0.63 -5.55
CA LEU A 322 -5.65 -0.45 -4.86
C LEU A 322 -6.68 -1.30 -4.11
N TYR A 323 -6.28 -2.53 -3.80
CA TYR A 323 -7.14 -3.51 -3.17
C TYR A 323 -6.59 -3.90 -1.81
N TYR A 324 -7.50 -4.00 -0.83
CA TYR A 324 -7.14 -4.49 0.49
C TYR A 324 -8.14 -5.55 0.94
N GLN A 325 -7.91 -6.06 2.15
CA GLN A 325 -8.88 -6.87 2.86
C GLN A 325 -8.60 -6.70 4.35
N GLN A 326 -9.63 -6.94 5.16
CA GLN A 326 -9.51 -6.87 6.60
C GLN A 326 -9.21 -8.24 7.19
N LEU A 327 -8.43 -8.24 8.27
CA LEU A 327 -7.95 -9.47 8.87
C LEU A 327 -8.43 -9.57 10.31
N LYS A 328 -8.28 -10.76 10.88
CA LYS A 328 -8.61 -11.02 12.28
C LYS A 328 -7.35 -11.23 13.14
N MET A 329 -6.18 -11.08 12.55
CA MET A 329 -4.90 -11.14 13.27
C MET A 329 -3.97 -10.10 12.67
N LYS A 330 -2.94 -9.76 13.43
CA LYS A 330 -1.97 -8.78 12.96
C LYS A 330 -1.29 -9.28 11.69
N ILE A 331 -1.03 -8.34 10.77
CA ILE A 331 -0.53 -8.67 9.44
C ILE A 331 0.73 -9.53 9.50
N THR A 332 1.60 -9.26 10.48
CA THR A 332 2.81 -10.05 10.62
C THR A 332 2.51 -11.50 11.01
N ASP A 333 1.46 -11.71 11.82
CA ASP A 333 1.09 -13.08 12.16
C ASP A 333 0.34 -13.75 11.02
N PHE A 334 -0.47 -12.98 10.28
CA PHE A 334 -1.18 -13.54 9.14
C PHE A 334 -0.21 -14.01 8.07
N GLU A 335 0.86 -13.24 7.84
CA GLU A 335 1.84 -13.61 6.82
C GLU A 335 2.63 -14.85 7.23
N ASN A 336 2.73 -15.13 8.52
CA ASN A 336 3.57 -16.18 9.05
C ASN A 336 2.82 -17.46 9.36
N ARG A 337 1.50 -17.50 9.16
CA ARG A 337 0.74 -18.68 9.55
C ARG A 337 0.84 -19.76 8.48
N ARG A 338 0.97 -21.01 8.93
CA ARG A 338 1.05 -22.16 8.05
C ARG A 338 -0.26 -22.94 8.14
N SER A 339 -0.88 -23.18 6.99
CA SER A 339 -2.09 -23.99 6.91
C SER A 339 -1.66 -25.44 6.94
N PHE A 340 -1.87 -26.09 8.09
CA PHE A 340 -1.48 -27.49 8.31
C PHE A 340 -2.73 -28.36 8.21
N LYS A 341 -2.85 -29.09 7.09
CA LYS A 341 -3.95 -30.01 6.88
C LYS A 341 -3.63 -31.35 7.54
N CYS A 342 -4.54 -31.85 8.38
CA CYS A 342 -4.33 -33.16 8.97
C CYS A 342 -5.66 -33.89 9.14
N ILE A 343 -5.54 -35.15 9.55
CA ILE A 343 -6.66 -35.97 9.96
C ILE A 343 -6.77 -35.87 11.46
N TRP A 344 -8.00 -35.69 11.95
CA TRP A 344 -8.32 -35.85 13.36
C TRP A 344 -9.04 -37.19 13.51
N LEU A 345 -8.41 -38.13 14.23
CA LEU A 345 -9.06 -39.41 14.53
C LEU A 345 -9.83 -39.26 15.83
N ASN A 346 -11.16 -39.25 15.75
CA ASN A 346 -11.99 -39.01 16.93
C ASN A 346 -12.08 -40.27 17.79
N SER A 347 -12.77 -40.14 18.93
CA SER A 347 -12.90 -41.27 19.86
C SER A 347 -13.72 -42.42 19.31
N GLN A 348 -14.49 -42.21 18.25
CA GLN A 348 -15.21 -43.30 17.60
C GLN A 348 -14.38 -43.99 16.52
N PHE A 349 -13.08 -43.70 16.47
CA PHE A 349 -12.18 -44.31 15.49
C PHE A 349 -12.55 -43.91 14.06
N ARG A 350 -13.09 -42.71 13.87
CA ARG A 350 -13.46 -42.24 12.55
C ARG A 350 -12.67 -40.97 12.19
N GLU A 351 -12.26 -40.89 10.93
CA GLU A 351 -11.41 -39.80 10.47
C GLU A 351 -12.22 -38.56 10.12
N GLU A 352 -11.69 -37.39 10.46
CA GLU A 352 -12.24 -36.11 10.06
C GLU A 352 -11.11 -35.25 9.49
N GLU A 353 -11.40 -34.44 8.49
CA GLU A 353 -10.42 -33.54 7.89
C GLU A 353 -10.43 -32.23 8.66
N ILE A 354 -9.26 -31.76 9.09
CA ILE A 354 -9.18 -30.50 9.80
C ILE A 354 -7.94 -29.72 9.36
N THR A 355 -8.09 -28.41 9.20
CA THR A 355 -6.96 -27.53 8.91
C THR A 355 -6.68 -26.67 10.13
N LEU A 356 -5.47 -26.78 10.66
CA LEU A 356 -5.01 -25.96 11.77
C LEU A 356 -4.04 -24.89 11.26
N TYR A 357 -3.91 -23.82 12.02
CA TYR A 357 -3.12 -22.66 11.61
C TYR A 357 -2.13 -22.27 12.69
N PRO A 358 -1.09 -23.08 12.89
CA PRO A 358 -0.01 -22.67 13.79
C PRO A 358 0.95 -21.73 13.08
N ASP A 359 1.82 -21.12 13.88
CA ASP A 359 2.90 -20.33 13.30
C ASP A 359 3.91 -21.26 12.65
N LYS A 360 4.39 -20.87 11.48
CA LYS A 360 5.36 -21.67 10.74
C LYS A 360 6.61 -21.97 11.55
N HIS A 361 6.93 -21.16 12.57
CA HIS A 361 8.08 -21.42 13.44
C HIS A 361 7.71 -22.27 14.65
N GLY A 362 6.45 -22.65 14.81
CA GLY A 362 6.02 -23.38 15.98
C GLY A 362 6.57 -24.81 16.01
N CYS A 363 6.21 -25.52 17.07
CA CYS A 363 6.58 -26.92 17.22
C CYS A 363 5.34 -27.82 17.14
N VAL A 364 5.58 -29.11 17.29
CA VAL A 364 4.49 -30.10 17.25
C VAL A 364 3.46 -29.80 18.34
N ARG A 365 3.93 -29.34 19.51
CA ARG A 365 3.01 -29.14 20.64
C ARG A 365 1.99 -28.06 20.33
N ASP A 366 2.41 -26.98 19.66
CA ASP A 366 1.47 -25.93 19.27
C ASP A 366 0.39 -26.48 18.34
N LEU A 367 0.78 -27.34 17.40
CA LEU A 367 -0.21 -27.99 16.53
C LEU A 367 -1.18 -28.84 17.34
N LEU A 368 -0.65 -29.66 18.25
CA LEU A 368 -1.49 -30.55 19.03
C LEU A 368 -2.48 -29.77 19.90
N GLU A 369 -2.04 -28.64 20.47
CA GLU A 369 -2.95 -27.90 21.32
C GLU A 369 -3.96 -27.10 20.49
N GLU A 370 -3.56 -26.65 19.29
CA GLU A 370 -4.53 -26.06 18.38
C GLU A 370 -5.65 -27.05 18.08
N CYS A 371 -5.28 -28.32 17.84
CA CYS A 371 -6.29 -29.33 17.56
C CYS A 371 -7.11 -29.66 18.79
N LYS A 372 -6.47 -29.70 19.97
CA LYS A 372 -7.18 -30.06 21.20
C LYS A 372 -8.25 -29.05 21.52
N LYS A 373 -7.98 -27.78 21.21
CA LYS A 373 -8.95 -26.68 21.49
C LYS A 373 -10.14 -26.78 20.52
N ALA A 374 -10.02 -27.61 19.48
CA ALA A 374 -11.06 -27.68 18.46
C ALA A 374 -12.01 -28.87 18.59
N VAL A 375 -11.59 -29.95 19.25
CA VAL A 375 -12.30 -31.22 19.14
C VAL A 375 -13.00 -31.62 20.44
N GLU A 376 -13.67 -32.75 20.41
CA GLU A 376 -14.32 -33.34 21.58
C GLU A 376 -13.61 -34.65 21.88
N LEU A 377 -12.90 -34.71 22.99
CA LEU A 377 -12.14 -35.90 23.31
C LEU A 377 -13.07 -36.99 23.86
N GLY A 378 -12.51 -38.16 24.10
CA GLY A 378 -13.28 -39.29 24.59
C GLY A 378 -13.90 -39.03 25.95
N GLU A 379 -14.81 -39.94 26.34
CA GLU A 379 -15.60 -39.73 27.54
C GLU A 379 -14.73 -39.63 28.79
N LYS A 380 -14.03 -40.72 29.14
CA LYS A 380 -13.04 -40.68 30.20
C LYS A 380 -11.76 -41.26 29.62
N ALA A 381 -10.98 -40.36 29.04
CA ALA A 381 -9.81 -40.71 28.27
C ALA A 381 -8.64 -39.85 28.73
N SER A 382 -7.46 -40.15 28.20
CA SER A 382 -6.22 -39.57 28.71
C SER A 382 -6.21 -38.06 28.63
N GLY A 383 -6.90 -37.46 27.66
CA GLY A 383 -6.78 -36.03 27.50
C GLY A 383 -5.45 -35.58 26.93
N LYS A 384 -4.67 -36.51 26.38
CA LYS A 384 -3.40 -36.19 25.74
C LYS A 384 -3.43 -36.62 24.29
N LEU A 385 -2.94 -35.74 23.41
CA LEU A 385 -2.92 -35.98 21.97
C LEU A 385 -1.52 -36.35 21.50
N ARG A 386 -1.46 -37.19 20.47
CA ARG A 386 -0.22 -37.49 19.77
C ARG A 386 -0.41 -37.30 18.27
N LEU A 387 0.73 -37.09 17.60
CA LEU A 387 0.81 -36.80 16.17
C LEU A 387 1.54 -37.92 15.46
N LEU A 388 0.83 -38.60 14.55
CA LEU A 388 1.40 -39.69 13.76
C LEU A 388 1.61 -39.23 12.33
N GLU A 389 2.54 -39.91 11.68
CA GLU A 389 2.83 -39.75 10.27
C GLU A 389 2.59 -41.09 9.62
N ILE A 390 1.77 -41.06 8.57
CA ILE A 390 1.27 -42.24 7.88
C ILE A 390 1.62 -42.11 6.40
N VAL A 391 2.11 -43.21 5.84
CA VAL A 391 2.47 -43.31 4.43
C VAL A 391 1.99 -44.67 3.96
N SER A 392 1.23 -44.70 2.87
CA SER A 392 0.72 -45.94 2.30
C SER A 392 -0.02 -46.77 3.36
N TYR A 393 -0.87 -46.11 4.14
CA TYR A 393 -1.74 -46.72 5.13
C TYR A 393 -0.98 -47.36 6.30
N LYS A 394 0.29 -47.00 6.49
CA LYS A 394 1.10 -47.50 7.59
C LYS A 394 1.57 -46.35 8.45
N ILE A 395 1.57 -46.56 9.77
CA ILE A 395 2.15 -45.56 10.67
C ILE A 395 3.66 -45.68 10.55
N ILE A 396 4.30 -44.67 9.97
CA ILE A 396 5.75 -44.70 9.85
C ILE A 396 6.43 -43.86 10.93
N GLY A 397 5.71 -42.96 11.59
CA GLY A 397 6.35 -42.20 12.65
C GLY A 397 5.41 -41.66 13.71
N VAL A 398 5.93 -41.51 14.92
CA VAL A 398 5.28 -40.78 16.01
C VAL A 398 6.20 -39.62 16.38
N HIS A 399 5.68 -38.40 16.36
CA HIS A 399 6.52 -37.22 16.49
C HIS A 399 6.47 -36.64 17.90
N GLN A 400 7.63 -36.36 18.49
CA GLN A 400 7.63 -35.79 19.83
C GLN A 400 7.34 -34.30 19.79
N GLU A 401 6.77 -33.80 20.89
CA GLU A 401 6.15 -32.49 20.89
C GLU A 401 7.13 -31.35 20.67
N ASP A 402 8.43 -31.61 20.81
CA ASP A 402 9.42 -30.55 20.66
C ASP A 402 9.89 -30.35 19.22
N GLU A 403 9.53 -31.25 18.30
CA GLU A 403 9.98 -31.09 16.92
C GLU A 403 9.34 -29.86 16.28
N LEU A 404 10.13 -29.13 15.50
CA LEU A 404 9.62 -27.94 14.83
C LEU A 404 8.76 -28.33 13.64
N LEU A 405 7.69 -27.57 13.43
CA LEU A 405 6.81 -27.79 12.29
C LEU A 405 7.57 -27.68 10.96
N GLU A 406 8.61 -26.83 10.90
CA GLU A 406 9.41 -26.75 9.67
C GLU A 406 10.10 -28.07 9.34
N CYS A 407 10.37 -28.91 10.35
CA CYS A 407 11.03 -30.20 10.12
C CYS A 407 10.09 -31.23 9.52
N LEU A 408 8.78 -31.04 9.66
CA LEU A 408 7.84 -32.02 9.13
C LEU A 408 7.83 -31.95 7.62
N SER A 409 7.62 -33.10 7.01
CA SER A 409 7.61 -33.21 5.56
C SER A 409 6.42 -32.46 4.96
N PRO A 410 6.63 -31.57 3.98
CA PRO A 410 5.52 -30.97 3.25
C PRO A 410 5.03 -31.81 2.07
N ALA A 411 5.67 -32.95 1.80
CA ALA A 411 5.24 -33.81 0.70
C ALA A 411 3.80 -34.26 0.90
N THR A 412 3.01 -34.17 -0.18
CA THR A 412 1.60 -34.54 -0.15
C THR A 412 1.40 -36.05 0.00
N SER A 413 2.48 -36.82 -0.11
CA SER A 413 2.46 -38.26 0.21
C SER A 413 2.09 -38.49 1.67
N ARG A 414 2.56 -37.63 2.55
CA ARG A 414 2.43 -37.86 3.98
C ARG A 414 1.05 -37.44 4.44
N THR A 415 0.40 -38.31 5.22
CA THR A 415 -0.77 -37.93 5.98
C THR A 415 -0.39 -37.82 7.45
N PHE A 416 -0.69 -36.68 8.05
CA PHE A 416 -0.47 -36.45 9.46
C PHE A 416 -1.78 -36.62 10.22
N ARG A 417 -1.79 -37.52 11.19
CA ARG A 417 -2.99 -37.82 11.97
C ARG A 417 -2.78 -37.41 13.42
N ILE A 418 -3.71 -36.64 13.98
CA ILE A 418 -3.73 -36.32 15.40
C ILE A 418 -4.78 -37.19 16.07
N GLU A 419 -4.41 -37.83 17.18
CA GLU A 419 -5.34 -38.72 17.87
C GLU A 419 -5.15 -38.66 19.39
N GLU A 420 -6.21 -38.99 20.12
CA GLU A 420 -6.13 -39.06 21.57
C GLU A 420 -5.46 -40.36 21.98
N ILE A 421 -4.45 -40.26 22.84
CA ILE A 421 -3.73 -41.45 23.33
C ILE A 421 -4.67 -42.29 24.17
N PRO A 422 -4.80 -43.59 23.91
CA PRO A 422 -5.60 -44.44 24.79
C PRO A 422 -4.94 -44.55 26.15
N LEU A 423 -5.74 -44.91 27.17
CA LEU A 423 -5.23 -44.82 28.54
C LEU A 423 -4.27 -45.96 28.87
N ASP A 424 -4.44 -47.14 28.25
CA ASP A 424 -3.45 -48.19 28.47
C ASP A 424 -2.09 -47.86 27.87
N GLN A 425 -1.99 -46.77 27.08
CA GLN A 425 -0.77 -46.43 26.38
C GLN A 425 -0.13 -45.15 26.88
N VAL A 426 -0.77 -44.43 27.81
CA VAL A 426 -0.18 -43.18 28.29
C VAL A 426 1.13 -43.43 29.04
N ASP A 427 1.20 -44.52 29.81
CA ASP A 427 2.43 -44.85 30.54
C ASP A 427 2.52 -46.38 30.69
N ILE A 428 3.08 -47.01 29.67
CA ILE A 428 3.23 -48.46 29.67
C ILE A 428 4.41 -48.85 30.55
N ASP A 429 4.38 -50.10 31.03
CA ASP A 429 5.49 -50.64 31.80
C ASP A 429 6.60 -51.02 30.84
N LYS A 430 7.70 -50.28 30.88
CA LYS A 430 8.73 -50.36 29.85
C LYS A 430 9.62 -51.60 29.98
N GLU A 431 9.40 -52.46 30.96
CA GLU A 431 10.14 -53.71 31.03
C GLU A 431 9.41 -54.89 30.43
N ASN A 432 8.08 -54.85 30.37
CA ASN A 432 7.32 -55.96 29.80
C ASN A 432 6.28 -55.55 28.76
N GLU A 433 6.14 -54.26 28.47
CA GLU A 433 5.15 -53.79 27.50
C GLU A 433 5.83 -53.01 26.39
N MET A 434 5.10 -52.85 25.28
CA MET A 434 5.64 -52.21 24.09
C MET A 434 4.48 -51.75 23.19
N LEU A 435 4.66 -50.62 22.51
CA LEU A 435 3.75 -50.18 21.46
C LEU A 435 4.27 -50.65 20.11
N VAL A 436 3.42 -51.35 19.36
CA VAL A 436 3.74 -51.74 17.99
C VAL A 436 2.75 -51.09 17.03
N THR A 437 3.21 -50.83 15.81
CA THR A 437 2.32 -50.34 14.77
C THR A 437 1.59 -51.51 14.13
N VAL A 438 0.32 -51.28 13.77
CA VAL A 438 -0.51 -52.29 13.14
C VAL A 438 -1.13 -51.67 11.89
N ALA A 439 -1.16 -52.44 10.81
CA ALA A 439 -1.74 -51.97 9.55
C ALA A 439 -2.34 -53.15 8.80
N HIS A 440 -3.43 -52.88 8.08
CA HIS A 440 -4.11 -53.93 7.34
C HIS A 440 -3.48 -54.12 5.96
N PHE A 441 -3.64 -55.32 5.44
CA PHE A 441 -3.16 -55.66 4.10
C PHE A 441 -3.84 -56.96 3.69
N HIS A 442 -3.55 -57.36 2.45
CA HIS A 442 -4.08 -58.62 1.86
C HIS A 442 -2.98 -59.18 0.96
N LYS A 443 -2.87 -60.52 0.89
CA LYS A 443 -1.81 -61.15 0.05
C LYS A 443 -0.46 -60.57 0.48
N GLU A 444 0.31 -60.03 -0.46
CA GLU A 444 1.64 -59.44 -0.17
C GLU A 444 1.50 -58.18 0.72
N VAL A 445 2.41 -58.01 1.67
CA VAL A 445 2.33 -56.93 2.69
C VAL A 445 2.43 -55.57 2.01
N PHE A 446 2.75 -55.59 0.71
CA PHE A 446 2.88 -54.36 -0.10
C PHE A 446 1.51 -53.68 -0.19
N GLY A 447 0.45 -54.49 -0.32
CA GLY A 447 -0.90 -53.93 -0.51
C GLY A 447 -1.60 -53.56 0.79
N THR A 448 -1.20 -52.44 1.39
CA THR A 448 -1.82 -52.04 2.65
C THR A 448 -3.04 -51.16 2.41
N PHE A 449 -3.95 -51.17 3.39
CA PHE A 449 -5.19 -50.41 3.28
C PHE A 449 -5.70 -50.15 4.68
N GLY A 450 -6.64 -49.22 4.79
CA GLY A 450 -7.38 -49.03 6.03
C GLY A 450 -6.70 -48.09 7.00
N ILE A 451 -7.14 -48.15 8.26
CA ILE A 451 -6.71 -47.23 9.30
C ILE A 451 -5.67 -47.94 10.17
N PRO A 452 -4.39 -47.53 10.14
CA PRO A 452 -3.39 -48.15 11.01
C PRO A 452 -3.51 -47.62 12.44
N PHE A 453 -2.97 -48.38 13.39
CA PHE A 453 -3.08 -47.92 14.77
C PHE A 453 -1.90 -48.40 15.61
N LEU A 454 -1.73 -47.75 16.75
CA LEU A 454 -0.73 -48.17 17.73
C LEU A 454 -1.38 -49.13 18.71
N LEU A 455 -0.69 -50.24 19.02
CA LEU A 455 -1.25 -51.28 19.86
C LEU A 455 -0.27 -51.63 20.98
N ARG A 456 -0.75 -51.57 22.22
CA ARG A 456 0.05 -52.03 23.35
C ARG A 456 0.04 -53.55 23.42
N ILE A 457 1.21 -54.13 23.69
CA ILE A 457 1.36 -55.57 23.87
C ILE A 457 2.26 -55.81 25.08
N HIS A 458 2.15 -57.03 25.62
CA HIS A 458 2.73 -57.40 26.90
C HIS A 458 3.51 -58.70 26.73
N GLN A 459 4.73 -58.74 27.28
CA GLN A 459 5.53 -59.95 27.21
C GLN A 459 4.87 -61.07 28.01
N GLY A 460 4.93 -62.29 27.48
CA GLY A 460 4.30 -63.44 28.10
C GLY A 460 2.82 -63.56 27.87
N GLU A 461 2.19 -62.53 27.32
CA GLU A 461 0.76 -62.55 27.05
C GLU A 461 0.40 -63.68 26.08
N HIS A 462 -0.84 -64.14 26.16
CA HIS A 462 -1.36 -65.08 25.18
C HIS A 462 -1.87 -64.33 23.97
N PHE A 463 -1.55 -64.83 22.78
CA PHE A 463 -1.85 -64.08 21.56
C PHE A 463 -3.33 -63.81 21.37
N ARG A 464 -4.22 -64.60 21.98
CA ARG A 464 -5.64 -64.30 21.85
C ARG A 464 -6.04 -63.09 22.69
N GLU A 465 -5.27 -62.76 23.73
CA GLU A 465 -5.44 -61.45 24.36
C GLU A 465 -5.12 -60.32 23.40
N VAL A 466 -4.07 -60.49 22.59
CA VAL A 466 -3.75 -59.50 21.57
C VAL A 466 -4.88 -59.41 20.55
N MET A 467 -5.41 -60.58 20.14
CA MET A 467 -6.49 -60.57 19.16
C MET A 467 -7.75 -59.93 19.73
N LYS A 468 -7.99 -60.08 21.03
CA LYS A 468 -9.18 -59.46 21.60
C LYS A 468 -9.00 -57.95 21.74
N ARG A 469 -7.79 -57.50 22.07
CA ARG A 469 -7.51 -56.07 22.02
C ARG A 469 -7.75 -55.52 20.61
N ILE A 470 -7.19 -56.20 19.61
CA ILE A 470 -7.34 -55.79 18.21
C ILE A 470 -8.82 -55.76 17.83
N GLN A 471 -9.53 -56.84 18.17
CA GLN A 471 -10.97 -57.01 17.82
C GLN A 471 -11.82 -55.92 18.48
N SER A 472 -11.56 -55.63 19.75
CA SER A 472 -12.30 -54.58 20.45
C SER A 472 -12.04 -53.21 19.83
N LEU A 473 -10.81 -52.96 19.39
CA LEU A 473 -10.55 -51.71 18.67
C LEU A 473 -11.27 -51.70 17.33
N LEU A 474 -11.16 -52.78 16.56
CA LEU A 474 -11.57 -52.79 15.16
C LEU A 474 -13.08 -52.60 15.01
N ASP A 475 -13.87 -53.37 15.76
CA ASP A 475 -15.31 -53.15 15.82
C ASP A 475 -16.02 -53.62 14.54
N ILE A 476 -15.94 -54.92 14.20
CA ILE A 476 -16.79 -55.49 13.14
C ILE A 476 -17.34 -56.82 13.65
N GLN A 477 -18.01 -57.56 12.77
CA GLN A 477 -18.67 -58.79 13.20
C GLN A 477 -17.70 -59.96 13.21
N GLU A 478 -17.97 -60.93 14.09
CA GLU A 478 -17.09 -62.10 14.31
C GLU A 478 -16.90 -62.87 13.01
N LYS A 479 -17.88 -62.86 12.11
CA LYS A 479 -17.71 -63.62 10.85
C LYS A 479 -16.49 -63.08 10.12
N GLU A 480 -16.39 -61.75 10.01
CA GLU A 480 -15.25 -61.08 9.34
C GLU A 480 -13.97 -61.30 10.14
N PHE A 481 -14.03 -61.19 11.47
CA PHE A 481 -12.82 -61.28 12.34
C PHE A 481 -12.10 -62.62 12.21
N GLU A 482 -12.84 -63.73 12.17
CA GLU A 482 -12.23 -65.09 12.12
C GLU A 482 -11.33 -65.24 10.88
N LYS A 483 -11.74 -64.64 9.77
CA LYS A 483 -11.01 -64.76 8.47
C LYS A 483 -9.59 -64.18 8.59
N PHE A 484 -9.40 -63.20 9.48
CA PHE A 484 -8.14 -62.48 9.66
C PHE A 484 -7.01 -63.45 9.96
N LYS A 485 -5.93 -63.35 9.20
CA LYS A 485 -4.67 -63.95 9.58
C LYS A 485 -3.75 -62.86 10.12
N PHE A 486 -2.65 -63.28 10.74
CA PHE A 486 -1.78 -62.32 11.40
C PHE A 486 -0.34 -62.65 11.09
N ALA A 487 0.49 -61.60 10.98
CA ALA A 487 1.89 -61.82 10.66
C ALA A 487 2.75 -60.77 11.34
N ILE A 488 4.02 -61.10 11.55
CA ILE A 488 5.03 -60.11 11.89
C ILE A 488 5.77 -59.75 10.60
N VAL A 489 5.87 -58.45 10.30
CA VAL A 489 6.42 -57.94 9.05
C VAL A 489 7.65 -57.09 9.37
N MET A 490 8.73 -57.38 8.64
CA MET A 490 10.00 -56.62 8.81
C MET A 490 10.75 -56.59 7.47
N MET A 491 11.05 -55.39 6.98
CA MET A 491 11.93 -55.22 5.78
C MET A 491 11.46 -56.11 4.62
N GLY A 492 10.15 -56.19 4.40
CA GLY A 492 9.62 -56.98 3.27
C GLY A 492 9.57 -58.48 3.54
N ARG A 493 9.92 -58.91 4.75
CA ARG A 493 9.89 -60.34 5.14
C ARG A 493 8.84 -60.50 6.24
N HIS A 494 7.93 -61.46 6.11
CA HIS A 494 6.88 -61.58 7.12
C HIS A 494 6.68 -63.05 7.41
N GLN A 495 6.52 -63.39 8.69
CA GLN A 495 6.14 -64.75 9.02
C GLN A 495 4.90 -64.75 9.90
N TYR A 496 4.06 -65.75 9.66
CA TYR A 496 2.71 -65.80 10.18
C TYR A 496 2.71 -66.43 11.57
N ILE A 497 1.84 -65.91 12.43
CA ILE A 497 1.83 -66.26 13.84
C ILE A 497 0.69 -67.25 14.08
N ASN A 498 0.99 -68.31 14.83
CA ASN A 498 -0.03 -69.31 15.15
C ASN A 498 -1.02 -68.71 16.15
N GLU A 499 -2.26 -68.56 15.72
CA GLU A 499 -3.24 -67.85 16.53
C GLU A 499 -3.56 -68.58 17.83
N ASP A 500 -3.38 -69.89 17.87
CA ASP A 500 -3.74 -70.68 19.04
C ASP A 500 -2.53 -71.23 19.80
N GLU A 501 -1.33 -70.69 19.56
CA GLU A 501 -0.22 -71.09 20.43
C GLU A 501 0.31 -69.94 21.29
N TYR A 502 -0.10 -68.70 21.01
CA TYR A 502 -0.14 -67.59 21.96
C TYR A 502 1.21 -66.95 22.27
N GLU A 503 2.27 -67.27 21.55
CA GLU A 503 3.60 -66.79 21.93
C GLU A 503 3.73 -65.29 21.61
N VAL A 504 3.92 -64.50 22.66
CA VAL A 504 4.14 -63.05 22.55
C VAL A 504 5.47 -62.75 23.21
N ASN A 505 6.51 -62.57 22.40
CA ASN A 505 7.86 -62.29 22.88
C ASN A 505 8.29 -60.94 22.29
N LEU A 506 8.57 -59.97 23.16
CA LEU A 506 8.86 -58.63 22.68
C LEU A 506 10.02 -58.59 21.69
N LYS A 507 10.90 -59.60 21.73
CA LYS A 507 12.14 -59.56 20.94
C LYS A 507 11.84 -59.66 19.44
N ASP A 508 10.65 -60.19 19.11
CA ASP A 508 10.31 -60.47 17.71
C ASP A 508 9.74 -59.23 17.04
N PHE A 509 9.36 -58.25 17.85
CA PHE A 509 8.87 -56.96 17.41
C PHE A 509 9.89 -55.85 17.61
N GLU A 510 11.12 -56.18 18.17
CA GLU A 510 12.15 -55.17 18.37
C GLU A 510 13.08 -55.09 17.16
N PRO A 511 13.60 -53.92 16.85
CA PRO A 511 14.62 -53.81 15.82
C PRO A 511 15.95 -54.34 16.34
N GLN A 512 16.95 -54.32 15.47
CA GLN A 512 18.30 -54.64 15.89
C GLN A 512 18.72 -53.68 17.01
N PRO A 513 19.34 -54.16 18.09
CA PRO A 513 19.66 -53.28 19.21
C PRO A 513 20.58 -52.15 18.76
N GLY A 514 20.28 -50.95 19.21
CA GLY A 514 21.02 -49.76 18.84
C GLY A 514 20.51 -49.04 17.61
N ASN A 515 19.54 -49.60 16.89
CA ASN A 515 19.05 -49.05 15.64
C ASN A 515 17.65 -48.48 15.87
N MET A 516 17.53 -47.15 15.78
CA MET A 516 16.25 -46.48 15.92
C MET A 516 15.71 -45.96 14.59
N SER A 517 16.44 -46.12 13.50
CA SER A 517 16.02 -45.58 12.21
C SER A 517 15.30 -46.60 11.35
N HIS A 518 15.86 -47.81 11.28
CA HIS A 518 15.28 -48.91 10.54
C HIS A 518 13.78 -48.99 10.82
N PRO A 519 12.93 -48.94 9.78
CA PRO A 519 11.50 -49.17 10.00
C PRO A 519 11.27 -50.41 10.85
N ARG A 520 10.62 -50.22 11.98
CA ARG A 520 10.47 -51.29 12.94
C ARG A 520 9.51 -52.37 12.45
N PRO A 521 9.65 -53.62 12.95
CA PRO A 521 8.66 -54.65 12.69
C PRO A 521 7.30 -54.13 13.05
N TRP A 522 6.29 -54.73 12.43
CA TRP A 522 4.94 -54.36 12.78
C TRP A 522 4.03 -55.58 12.63
N LEU A 523 2.84 -55.44 13.19
CA LEU A 523 1.82 -56.48 13.19
C LEU A 523 0.90 -56.27 11.99
N GLY A 524 0.95 -57.18 11.03
CA GLY A 524 0.11 -57.10 9.85
C GLY A 524 -1.14 -57.98 10.01
N LEU A 525 -2.29 -57.34 9.83
CA LEU A 525 -3.58 -58.03 9.80
C LEU A 525 -3.96 -58.35 8.35
N ASP A 526 -4.44 -59.58 8.14
CA ASP A 526 -4.69 -60.11 6.81
C ASP A 526 -6.18 -60.37 6.65
N HIS A 527 -6.81 -59.61 5.76
CA HIS A 527 -8.20 -59.74 5.38
C HIS A 527 -8.38 -58.96 4.08
N PHE A 528 -9.64 -58.63 3.76
CA PHE A 528 -10.00 -57.89 2.53
C PHE A 528 -11.06 -56.83 2.87
N ASN A 529 -11.20 -55.81 2.01
CA ASN A 529 -12.15 -54.72 2.22
C ASN A 529 -12.99 -54.47 0.98
#